data_6Y4X
#
_entry.id   6Y4X
#
_cell.length_a   66.819
_cell.length_b   73.999
_cell.length_c   77.299
_cell.angle_alpha   90.000
_cell.angle_beta   90.000
_cell.angle_gamma   90.000
#
_symmetry.space_group_name_H-M   'P 21 21 21'
#
loop_
_entity.id
_entity.type
_entity.pdbx_description
1 polymer 'Mitogen-activated protein kinase 14'
2 non-polymer 1,2-ETHANEDIOL
3 non-polymer 5-azanyl-~{N}-[[4-[[(2~{S})-1-[2-(4-chlorophenyl)ethylamino]-4-cyclohexyl-1-oxidanylidene-butan-2-yl]carbamoyl]phenyl]methyl]-1-phenyl-pyrazole-4-carboxamide
4 water water
#
_entity_poly.entity_id   1
_entity_poly.type   'polypeptide(L)'
_entity_poly.pdbx_seq_one_letter_code
;GMSQERPTFYRQELNKTIWEVPERYQNLSPVGSGAYGSVCAAFDTKTGHRVAVKKLSRPFQSIIHAKRTYRELRLLKHMK
HENVIGLLDVFTPARSLEEFNDVYLVTHLMGADLNNIVKCQKLTDDHVQFLIYQILRGLKYIHSADIIHRDLKPSNLAVN
EDCELKILDFGLARHTDDEMTGYVATRWYRAPEIMLNWMHYNQTVDIWSVGCIMAELLTGRTLFPGTDHIDQLKLILRLV
GTPGAELLKKISSESARNYIQSLAQMPKMNFANVFIGANPLAVDLLEKMLVLDSDKRITAAQALAHAYFAQYHDPDDEPV
ADPYDQSFESRDLLIDEWKSLTYDEVISFVPPPLDQEEMES
;
_entity_poly.pdbx_strand_id   A
#
loop_
_chem_comp.id
_chem_comp.type
_chem_comp.name
_chem_comp.formula
EDO non-polymer 1,2-ETHANEDIOL 'C2 H6 O2'
O8Q non-polymer 5-azanyl-~{N}-[[4-[[(2~{S})-1-[2-(4-chlorophenyl)ethylamino]-4-cyclohexyl-1-oxidanylidene-butan-2-yl]carbamoyl]phenyl]methyl]-1-phenyl-pyrazole-4-carboxamide 'C36 H41 Cl N6 O3'
#
# COMPACT_ATOMS: atom_id res chain seq x y z
N MET A 2 16.53 -26.51 -25.76
CA MET A 2 15.16 -26.23 -25.27
C MET A 2 14.98 -26.18 -23.74
N SER A 3 16.04 -26.35 -22.93
CA SER A 3 15.85 -26.23 -21.49
C SER A 3 15.83 -24.74 -21.11
N GLN A 4 15.07 -24.42 -20.08
CA GLN A 4 15.03 -23.08 -19.54
C GLN A 4 16.36 -22.69 -18.94
N GLU A 5 16.85 -21.54 -19.35
CA GLU A 5 18.12 -21.02 -18.84
C GLU A 5 17.99 -20.75 -17.35
N ARG A 6 19.04 -21.04 -16.60
CA ARG A 6 19.09 -20.59 -15.19
C ARG A 6 20.24 -19.63 -15.03
N PRO A 7 20.05 -18.61 -14.20
CA PRO A 7 20.97 -17.45 -14.24
C PRO A 7 22.33 -17.70 -13.65
N THR A 8 23.33 -17.00 -14.17
CA THR A 8 24.64 -16.91 -13.54
C THR A 8 24.69 -15.63 -12.68
N PHE A 9 25.14 -15.79 -11.44
CA PHE A 9 25.23 -14.68 -10.48
C PHE A 9 26.59 -14.04 -10.46
N TYR A 10 26.64 -12.78 -10.05
CA TYR A 10 27.90 -12.14 -9.70
C TYR A 10 27.79 -11.41 -8.37
N ARG A 11 28.96 -11.20 -7.77
CA ARG A 11 29.06 -10.73 -6.41
C ARG A 11 29.70 -9.39 -6.40
N GLN A 12 29.25 -8.49 -5.56
CA GLN A 12 29.93 -7.21 -5.30
C GLN A 12 29.60 -6.69 -3.93
N GLU A 13 30.33 -5.64 -3.51
CA GLU A 13 30.04 -4.93 -2.28
C GLU A 13 29.58 -3.47 -2.55
N LEU A 14 28.53 -3.06 -1.85
CA LEU A 14 27.97 -1.70 -1.92
C LEU A 14 27.56 -1.26 -0.52
N ASN A 15 28.14 -0.17 -0.01
CA ASN A 15 27.77 0.35 1.33
C ASN A 15 27.91 -0.74 2.40
N LYS A 16 29.07 -1.40 2.42
CA LYS A 16 29.37 -2.43 3.43
C LYS A 16 28.40 -3.64 3.40
N THR A 17 27.69 -3.82 2.28
CA THR A 17 26.69 -4.91 2.09
C THR A 17 27.06 -5.76 0.86
N ILE A 18 27.04 -7.08 1.02
CA ILE A 18 27.27 -8.01 -0.08
C ILE A 18 25.99 -8.12 -0.96
N TRP A 19 26.17 -7.98 -2.28
CA TRP A 19 25.05 -8.13 -3.22
C TRP A 19 25.46 -9.19 -4.19
N GLU A 20 24.63 -10.23 -4.28
CA GLU A 20 24.86 -11.30 -5.22
C GLU A 20 23.61 -11.46 -6.04
N VAL A 21 23.70 -11.12 -7.33
CA VAL A 21 22.53 -10.95 -8.19
C VAL A 21 22.80 -11.55 -9.57
N PRO A 22 21.73 -11.90 -10.33
CA PRO A 22 21.94 -12.40 -11.69
C PRO A 22 22.58 -11.33 -12.58
N GLU A 23 23.41 -11.79 -13.50
CA GLU A 23 24.14 -10.88 -14.39
CA GLU A 23 24.13 -10.88 -14.40
C GLU A 23 23.21 -10.01 -15.26
N ARG A 24 21.96 -10.42 -15.43
CA ARG A 24 21.02 -9.52 -16.12
C ARG A 24 20.84 -8.14 -15.46
N TYR A 25 21.09 -8.05 -14.14
CA TYR A 25 20.97 -6.79 -13.43
C TYR A 25 22.33 -6.13 -13.33
N GLN A 26 22.45 -4.96 -13.93
CA GLN A 26 23.74 -4.28 -14.05
C GLN A 26 23.71 -2.89 -13.46
N ASN A 27 24.90 -2.32 -13.24
CA ASN A 27 25.07 -0.96 -12.71
C ASN A 27 24.30 -0.70 -11.43
N LEU A 28 24.34 -1.66 -10.51
CA LEU A 28 23.65 -1.47 -9.25
C LEU A 28 24.11 -0.20 -8.58
N SER A 29 23.17 0.55 -8.07
CA SER A 29 23.46 1.81 -7.43
C SER A 29 22.47 2.08 -6.30
N PRO A 30 22.96 2.22 -5.04
CA PRO A 30 22.03 2.38 -3.93
C PRO A 30 21.17 3.58 -4.08
N VAL A 31 19.93 3.45 -3.57
CA VAL A 31 18.94 4.48 -3.72
C VAL A 31 18.19 4.67 -2.40
N GLY A 32 17.74 5.91 -2.16
CA GLY A 32 16.97 6.28 -0.96
C GLY A 32 17.76 6.56 0.30
N SER A 33 19.09 6.64 0.17
CA SER A 33 20.04 6.83 1.28
C SER A 33 19.62 6.16 2.60
N GLY A 34 19.21 4.89 2.50
CA GLY A 34 18.89 4.08 3.67
C GLY A 34 17.43 4.05 4.07
N ALA A 35 16.63 5.01 3.61
CA ALA A 35 15.21 5.13 4.02
C ALA A 35 14.42 3.82 3.81
N TYR A 36 14.41 3.34 2.54
CA TYR A 36 13.63 2.15 2.12
C TYR A 36 14.23 0.76 2.52
N GLY A 37 15.36 0.71 3.26
CA GLY A 37 16.07 -0.55 3.52
C GLY A 37 17.19 -0.67 2.51
N SER A 38 17.64 -1.89 2.21
CA SER A 38 18.78 -2.07 1.31
C SER A 38 18.19 -2.20 -0.09
N VAL A 39 18.20 -1.12 -0.86
CA VAL A 39 17.61 -1.08 -2.17
C VAL A 39 18.57 -0.42 -3.14
N CYS A 40 18.74 -1.03 -4.32
CA CYS A 40 19.54 -0.50 -5.40
C CYS A 40 18.69 -0.30 -6.64
N ALA A 41 18.95 0.78 -7.38
CA ALA A 41 18.54 0.84 -8.78
C ALA A 41 19.48 -0.03 -9.62
N ALA A 42 18.96 -0.63 -10.70
CA ALA A 42 19.74 -1.49 -11.59
C ALA A 42 19.14 -1.36 -12.97
N PHE A 43 19.95 -1.65 -13.99
CA PHE A 43 19.48 -1.72 -15.34
C PHE A 43 19.23 -3.18 -15.62
N ASP A 44 18.01 -3.52 -16.01
CA ASP A 44 17.69 -4.92 -16.37
C ASP A 44 17.93 -5.13 -17.86
N THR A 45 18.92 -5.94 -18.20
CA THR A 45 19.30 -6.10 -19.60
C THR A 45 18.24 -6.89 -20.37
N LYS A 46 17.37 -7.65 -19.68
CA LYS A 46 16.35 -8.38 -20.41
C LYS A 46 15.22 -7.48 -20.91
N THR A 47 15.01 -6.36 -20.22
CA THR A 47 13.88 -5.45 -20.51
C THR A 47 14.29 -4.08 -21.02
N GLY A 48 15.54 -3.71 -20.83
CA GLY A 48 16.04 -2.40 -21.19
C GLY A 48 15.56 -1.24 -20.34
N HIS A 49 15.07 -1.54 -19.14
CA HIS A 49 14.55 -0.55 -18.20
C HIS A 49 15.29 -0.64 -16.87
N ARG A 50 15.15 0.41 -16.10
CA ARG A 50 15.69 0.41 -14.74
C ARG A 50 14.67 -0.24 -13.83
N VAL A 51 15.16 -0.90 -12.79
CA VAL A 51 14.35 -1.58 -11.81
C VAL A 51 14.91 -1.27 -10.43
N ALA A 52 14.16 -1.66 -9.41
CA ALA A 52 14.64 -1.61 -8.03
C ALA A 52 14.90 -3.03 -7.56
N VAL A 53 16.04 -3.24 -6.95
CA VAL A 53 16.39 -4.54 -6.37
C VAL A 53 16.51 -4.34 -4.86
N LYS A 54 15.75 -5.11 -4.10
CA LYS A 54 15.79 -4.98 -2.65
C LYS A 54 16.31 -6.25 -2.03
N LYS A 55 17.31 -6.11 -1.17
CA LYS A 55 17.85 -7.26 -0.39
C LYS A 55 17.17 -7.26 0.94
N LEU A 56 16.37 -8.28 1.27
CA LEU A 56 15.57 -8.22 2.51
C LEU A 56 16.48 -8.23 3.75
N SER A 57 16.02 -7.53 4.80
CA SER A 57 16.77 -7.42 6.07
CA SER A 57 16.79 -7.44 6.06
C SER A 57 16.32 -8.50 7.03
N ARG A 58 17.24 -9.37 7.40
CA ARG A 58 17.02 -10.40 8.45
C ARG A 58 15.74 -11.15 8.28
N PRO A 59 15.51 -11.68 7.08
CA PRO A 59 14.19 -12.24 6.74
C PRO A 59 13.72 -13.37 7.64
N PHE A 60 14.64 -14.08 8.27
CA PHE A 60 14.28 -15.24 9.08
C PHE A 60 14.82 -15.11 10.50
N GLN A 61 14.86 -13.87 11.00
CA GLN A 61 15.38 -13.56 12.35
C GLN A 61 14.62 -14.30 13.48
N SER A 62 13.33 -14.49 13.26
CA SER A 62 12.41 -15.02 14.27
C SER A 62 11.20 -15.59 13.56
N ILE A 63 10.31 -16.22 14.30
CA ILE A 63 9.02 -16.67 13.70
C ILE A 63 8.23 -15.52 13.10
N ILE A 64 8.20 -14.38 13.80
CA ILE A 64 7.51 -13.21 13.31
C ILE A 64 8.10 -12.66 11.99
N HIS A 65 9.42 -12.49 11.93
CA HIS A 65 10.08 -12.00 10.73
C HIS A 65 9.86 -13.05 9.60
N ALA A 66 9.99 -14.34 9.92
CA ALA A 66 9.87 -15.36 8.85
C ALA A 66 8.48 -15.36 8.25
N LYS A 67 7.46 -15.30 9.11
CA LYS A 67 6.09 -15.23 8.63
C LYS A 67 5.83 -13.95 7.86
N ARG A 68 6.45 -12.86 8.28
CA ARG A 68 6.36 -11.59 7.57
CA ARG A 68 6.37 -11.58 7.57
C ARG A 68 6.96 -11.68 6.18
N THR A 69 8.08 -12.34 6.09
CA THR A 69 8.76 -12.53 4.79
C THR A 69 7.87 -13.31 3.86
N TYR A 70 7.33 -14.41 4.37
CA TYR A 70 6.46 -15.30 3.60
C TYR A 70 5.22 -14.54 3.12
N ARG A 71 4.60 -13.83 4.07
CA ARG A 71 3.41 -13.04 3.74
C ARG A 71 3.64 -12.03 2.63
N GLU A 72 4.72 -11.27 2.74
CA GLU A 72 5.01 -10.23 1.78
CA GLU A 72 5.00 -10.25 1.77
C GLU A 72 5.27 -10.86 0.40
N LEU A 73 5.99 -11.98 0.39
CA LEU A 73 6.22 -12.64 -0.89
C LEU A 73 4.94 -13.18 -1.53
N ARG A 74 4.10 -13.81 -0.74
CA ARG A 74 2.82 -14.24 -1.22
C ARG A 74 2.00 -13.09 -1.78
N LEU A 75 1.98 -11.98 -1.07
CA LEU A 75 1.17 -10.84 -1.53
C LEU A 75 1.73 -10.26 -2.82
N LEU A 76 3.04 -10.05 -2.84
CA LEU A 76 3.67 -9.51 -4.03
C LEU A 76 3.42 -10.40 -5.24
N LYS A 77 3.54 -11.72 -5.05
CA LYS A 77 3.31 -12.61 -6.14
C LYS A 77 1.89 -12.61 -6.67
N HIS A 78 0.94 -12.26 -5.80
CA HIS A 78 -0.42 -12.18 -6.21
C HIS A 78 -0.78 -10.98 -7.05
N MET A 79 -0.11 -9.85 -6.81
CA MET A 79 -0.62 -8.57 -7.36
C MET A 79 -0.34 -8.43 -8.80
N LYS A 80 -1.42 -8.39 -9.61
CA LYS A 80 -1.36 -8.22 -11.03
C LYS A 80 -2.39 -7.13 -11.40
N HIS A 81 -2.05 -5.88 -11.13
CA HIS A 81 -2.94 -4.73 -11.40
C HIS A 81 -2.13 -3.45 -11.62
N GLU A 82 -2.58 -2.64 -12.55
CA GLU A 82 -1.89 -1.42 -12.94
C GLU A 82 -1.65 -0.43 -11.81
N ASN A 83 -2.50 -0.40 -10.80
CA ASN A 83 -2.39 0.57 -9.73
C ASN A 83 -1.90 -0.07 -8.41
N VAL A 84 -1.27 -1.24 -8.51
CA VAL A 84 -0.67 -1.92 -7.35
C VAL A 84 0.75 -2.38 -7.73
N ILE A 85 1.68 -2.23 -6.80
CA ILE A 85 3.03 -2.73 -7.02
C ILE A 85 2.97 -4.19 -7.41
N GLY A 86 3.86 -4.55 -8.33
CA GLY A 86 3.97 -5.97 -8.68
C GLY A 86 5.40 -6.46 -8.60
N LEU A 87 5.55 -7.75 -8.77
CA LEU A 87 6.82 -8.41 -8.59
C LEU A 87 7.42 -8.75 -9.95
N LEU A 88 8.55 -8.15 -10.30
CA LEU A 88 9.22 -8.50 -11.55
C LEU A 88 10.03 -9.77 -11.44
N ASP A 89 10.66 -9.98 -10.28
CA ASP A 89 11.52 -11.12 -10.06
C ASP A 89 11.74 -11.28 -8.56
N VAL A 90 12.08 -12.50 -8.17
CA VAL A 90 12.52 -12.81 -6.82
C VAL A 90 13.56 -13.88 -6.98
N PHE A 91 14.65 -13.72 -6.26
CA PHE A 91 15.73 -14.66 -6.37
C PHE A 91 16.57 -14.77 -5.12
N THR A 92 17.31 -15.88 -5.06
CA THR A 92 18.30 -16.11 -4.02
C THR A 92 19.55 -16.73 -4.69
N PRO A 93 20.75 -16.38 -4.20
CA PRO A 93 21.93 -17.07 -4.73
C PRO A 93 22.09 -18.54 -4.23
N ALA A 94 21.30 -18.88 -3.21
CA ALA A 94 21.32 -20.24 -2.66
C ALA A 94 20.96 -21.25 -3.68
N ARG A 95 21.63 -22.41 -3.62
CA ARG A 95 21.28 -23.52 -4.50
CA ARG A 95 21.25 -23.51 -4.53
C ARG A 95 20.50 -24.63 -3.82
N SER A 96 20.17 -24.41 -2.56
CA SER A 96 19.28 -25.34 -1.84
C SER A 96 18.74 -24.63 -0.64
N LEU A 97 17.74 -25.26 -0.02
CA LEU A 97 17.16 -24.73 1.24
C LEU A 97 18.20 -24.68 2.34
N GLU A 98 19.14 -25.58 2.34
CA GLU A 98 20.11 -25.70 3.42
C GLU A 98 21.08 -24.51 3.39
N GLU A 99 21.23 -23.84 2.27
CA GLU A 99 22.07 -22.64 2.22
C GLU A 99 21.32 -21.37 1.98
N PHE A 100 19.98 -21.42 2.12
CA PHE A 100 19.11 -20.29 1.83
C PHE A 100 19.15 -19.30 3.00
N ASN A 101 19.68 -18.12 2.77
CA ASN A 101 19.66 -17.07 3.78
C ASN A 101 19.16 -15.75 3.29
N ASP A 102 19.34 -15.47 2.03
CA ASP A 102 19.13 -14.09 1.48
C ASP A 102 17.99 -14.14 0.45
N VAL A 103 17.12 -13.14 0.48
CA VAL A 103 16.00 -13.01 -0.42
C VAL A 103 16.10 -11.66 -1.10
N TYR A 104 16.04 -11.66 -2.44
CA TYR A 104 16.06 -10.37 -3.18
C TYR A 104 14.75 -10.27 -3.96
N LEU A 105 14.16 -9.07 -3.94
CA LEU A 105 12.90 -8.76 -4.64
C LEU A 105 13.18 -7.72 -5.70
N VAL A 106 12.64 -7.87 -6.90
CA VAL A 106 12.80 -6.90 -7.96
C VAL A 106 11.43 -6.33 -8.31
N THR A 107 11.34 -4.99 -8.30
CA THR A 107 10.13 -4.26 -8.72
C THR A 107 10.51 -3.19 -9.74
N HIS A 108 9.51 -2.58 -10.35
CA HIS A 108 9.76 -1.35 -11.04
C HIS A 108 10.36 -0.33 -10.12
N LEU A 109 11.11 0.58 -10.72
CA LEU A 109 11.61 1.71 -10.05
C LEU A 109 10.43 2.72 -10.04
N MET A 110 9.97 3.03 -8.86
CA MET A 110 8.73 3.76 -8.68
C MET A 110 8.97 5.24 -8.81
N GLY A 111 7.87 5.92 -9.18
CA GLY A 111 7.82 7.35 -9.16
C GLY A 111 7.93 7.93 -7.77
N ALA A 112 8.24 9.23 -7.70
CA ALA A 112 8.19 9.93 -6.42
C ALA A 112 6.87 9.65 -5.70
N ASP A 113 6.83 9.86 -4.41
CA ASP A 113 5.60 9.64 -3.68
C ASP A 113 4.66 10.82 -3.78
N LEU A 114 3.47 10.61 -3.29
CA LEU A 114 2.45 11.65 -3.32
C LEU A 114 2.79 12.90 -2.50
N ASN A 115 3.54 12.80 -1.38
CA ASN A 115 4.11 14.02 -0.70
C ASN A 115 5.02 14.85 -1.60
N ASN A 116 5.92 14.16 -2.28
CA ASN A 116 6.89 14.77 -3.23
CA ASN A 116 6.85 14.87 -3.10
C ASN A 116 6.18 15.49 -4.35
N ILE A 117 5.13 14.84 -4.84
CA ILE A 117 4.32 15.40 -5.91
C ILE A 117 3.82 16.75 -5.46
N VAL A 118 3.27 16.79 -4.24
CA VAL A 118 2.61 17.99 -3.71
C VAL A 118 3.63 19.09 -3.44
N LYS A 119 4.74 18.72 -2.81
CA LYS A 119 5.83 19.67 -2.57
C LYS A 119 6.32 20.36 -3.86
N CYS A 120 6.32 19.63 -4.97
CA CYS A 120 6.91 20.09 -6.22
C CYS A 120 5.96 20.78 -7.18
N GLN A 121 4.65 20.58 -6.98
CA GLN A 121 3.65 21.24 -7.83
C GLN A 121 2.28 21.36 -7.12
N LYS A 122 1.49 22.31 -7.61
CA LYS A 122 0.11 22.49 -7.16
C LYS A 122 -0.80 21.64 -8.06
N LEU A 123 -1.61 20.77 -7.45
CA LEU A 123 -2.45 19.86 -8.26
C LEU A 123 -3.74 20.47 -8.77
N THR A 124 -4.03 20.28 -10.06
CA THR A 124 -5.33 20.65 -10.63
C THR A 124 -6.43 19.71 -10.08
N ASP A 125 -7.70 20.15 -10.10
CA ASP A 125 -8.84 19.25 -9.74
C ASP A 125 -8.85 18.02 -10.61
N ASP A 126 -8.49 18.16 -11.90
CA ASP A 126 -8.38 16.96 -12.76
C ASP A 126 -7.39 15.97 -12.20
N HIS A 127 -6.21 16.41 -11.75
CA HIS A 127 -5.23 15.49 -11.21
C HIS A 127 -5.62 14.93 -9.85
N VAL A 128 -6.31 15.71 -9.03
CA VAL A 128 -6.85 15.15 -7.79
C VAL A 128 -7.86 14.03 -8.10
N GLN A 129 -8.75 14.27 -9.06
CA GLN A 129 -9.72 13.25 -9.50
C GLN A 129 -8.97 12.02 -9.96
N PHE A 130 -7.96 12.19 -10.82
CA PHE A 130 -7.29 11.03 -11.38
C PHE A 130 -6.49 10.24 -10.34
N LEU A 131 -5.81 10.96 -9.42
CA LEU A 131 -5.02 10.28 -8.41
C LEU A 131 -5.91 9.52 -7.45
N ILE A 132 -7.00 10.14 -7.00
CA ILE A 132 -7.88 9.41 -6.06
C ILE A 132 -8.60 8.25 -6.77
N TYR A 133 -8.98 8.46 -8.00
CA TYR A 133 -9.57 7.39 -8.84
C TYR A 133 -8.64 6.18 -8.84
N GLN A 134 -7.35 6.41 -9.09
CA GLN A 134 -6.43 5.27 -9.26
C GLN A 134 -6.22 4.55 -7.95
N ILE A 135 -6.21 5.29 -6.84
CA ILE A 135 -6.09 4.62 -5.53
C ILE A 135 -7.32 3.68 -5.37
N LEU A 136 -8.51 4.25 -5.62
CA LEU A 136 -9.76 3.46 -5.47
C LEU A 136 -9.81 2.26 -6.41
N ARG A 137 -9.30 2.43 -7.62
CA ARG A 137 -9.21 1.35 -8.59
C ARG A 137 -8.35 0.20 -8.05
N GLY A 138 -7.19 0.55 -7.51
CA GLY A 138 -6.30 -0.43 -6.90
C GLY A 138 -6.95 -1.10 -5.68
N LEU A 139 -7.66 -0.33 -4.86
CA LEU A 139 -8.34 -0.85 -3.70
C LEU A 139 -9.45 -1.78 -4.09
N LYS A 140 -10.22 -1.45 -5.12
CA LYS A 140 -11.25 -2.40 -5.56
C LYS A 140 -10.63 -3.77 -5.79
N TYR A 141 -9.49 -3.76 -6.47
CA TYR A 141 -8.78 -4.98 -6.77
C TYR A 141 -8.31 -5.70 -5.51
N ILE A 142 -7.54 -5.04 -4.64
CA ILE A 142 -7.04 -5.74 -3.48
C ILE A 142 -8.18 -6.20 -2.52
N HIS A 143 -9.18 -5.35 -2.35
CA HIS A 143 -10.32 -5.70 -1.51
C HIS A 143 -11.10 -6.91 -2.00
N SER A 144 -11.17 -7.06 -3.32
CA SER A 144 -11.89 -8.19 -3.91
C SER A 144 -11.25 -9.52 -3.55
N ALA A 145 -9.98 -9.50 -3.20
CA ALA A 145 -9.24 -10.70 -2.77
C ALA A 145 -9.17 -10.78 -1.24
N ASP A 146 -9.98 -9.97 -0.53
CA ASP A 146 -9.98 -9.88 0.91
CA ASP A 146 -9.97 -9.92 0.92
C ASP A 146 -8.61 -9.52 1.48
N ILE A 147 -7.91 -8.63 0.78
CA ILE A 147 -6.70 -8.07 1.22
C ILE A 147 -6.99 -6.60 1.63
N ILE A 148 -6.58 -6.20 2.82
CA ILE A 148 -6.78 -4.83 3.32
C ILE A 148 -5.36 -4.27 3.46
N HIS A 149 -5.19 -3.03 3.02
CA HIS A 149 -3.88 -2.41 3.08
C HIS A 149 -3.47 -2.06 4.52
N ARG A 150 -4.33 -1.28 5.19
CA ARG A 150 -4.19 -0.87 6.59
C ARG A 150 -3.22 0.25 6.86
N ASP A 151 -2.36 0.54 5.91
CA ASP A 151 -1.24 1.54 6.08
C ASP A 151 -1.24 2.66 5.04
N LEU A 152 -2.39 3.03 4.48
CA LEU A 152 -2.40 3.98 3.38
C LEU A 152 -2.03 5.35 3.89
N LYS A 153 -1.13 6.05 3.17
CA LYS A 153 -0.65 7.38 3.50
C LYS A 153 0.11 7.81 2.25
N PRO A 154 0.34 9.11 2.10
CA PRO A 154 0.93 9.58 0.85
C PRO A 154 2.29 8.95 0.51
N SER A 155 3.09 8.59 1.51
CA SER A 155 4.39 8.02 1.24
C SER A 155 4.29 6.61 0.68
N ASN A 156 3.12 5.96 0.80
CA ASN A 156 2.91 4.61 0.25
C ASN A 156 2.21 4.64 -1.09
N LEU A 157 2.25 5.80 -1.77
CA LEU A 157 1.67 5.93 -3.10
C LEU A 157 2.76 6.50 -4.00
N ALA A 158 3.06 5.80 -5.07
CA ALA A 158 4.06 6.20 -6.03
C ALA A 158 3.35 6.78 -7.25
N VAL A 159 3.88 7.89 -7.75
CA VAL A 159 3.27 8.60 -8.89
C VAL A 159 4.32 8.93 -9.91
N ASN A 160 4.13 8.55 -11.19
CA ASN A 160 5.11 8.88 -12.25
C ASN A 160 4.75 10.17 -12.98
N GLU A 161 5.57 10.55 -13.97
CA GLU A 161 5.38 11.78 -14.66
C GLU A 161 4.11 11.83 -15.52
N ASP A 162 3.57 10.66 -15.88
CA ASP A 162 2.31 10.52 -16.65
C ASP A 162 1.13 10.55 -15.64
N CYS A 163 1.38 10.83 -14.35
CA CYS A 163 0.35 10.88 -13.27
C CYS A 163 -0.24 9.52 -12.99
N GLU A 164 0.44 8.46 -13.41
CA GLU A 164 0.01 7.10 -13.12
C GLU A 164 0.43 6.78 -11.67
N LEU A 165 -0.43 6.10 -10.92
CA LEU A 165 -0.21 5.87 -9.48
C LEU A 165 -0.19 4.38 -9.20
N LYS A 166 0.69 3.97 -8.29
CA LYS A 166 0.67 2.62 -7.69
CA LYS A 166 0.67 2.61 -7.69
C LYS A 166 0.63 2.67 -6.17
N ILE A 167 -0.15 1.75 -5.60
CA ILE A 167 -0.23 1.53 -4.15
C ILE A 167 0.86 0.54 -3.78
N LEU A 168 1.54 0.80 -2.69
CA LEU A 168 2.57 -0.13 -2.17
C LEU A 168 2.59 0.04 -0.66
N ASP A 169 3.44 -0.71 0.03
CA ASP A 169 3.68 -0.47 1.45
C ASP A 169 5.15 -0.70 1.72
N PHE A 170 5.86 0.37 2.03
CA PHE A 170 7.30 0.27 2.29
C PHE A 170 7.67 -0.35 3.63
N GLY A 171 6.66 -0.59 4.49
CA GLY A 171 6.85 -1.31 5.73
C GLY A 171 7.54 -0.49 6.81
N LEU A 172 8.30 -1.18 7.64
CA LEU A 172 9.01 -0.56 8.78
C LEU A 172 10.27 0.25 8.39
N ALA A 173 10.36 1.47 8.87
CA ALA A 173 11.63 2.23 9.07
C ALA A 173 12.54 2.42 7.85
N TYR A 183 8.54 13.41 8.86
CA TYR A 183 7.95 12.10 9.07
C TYR A 183 6.43 12.22 9.01
N VAL A 184 5.83 11.28 8.29
CA VAL A 184 4.39 11.19 8.20
C VAL A 184 3.88 9.92 8.90
N ALA A 185 3.04 10.14 9.93
CA ALA A 185 2.48 9.05 10.75
C ALA A 185 1.33 8.42 10.04
N THR A 186 1.44 7.12 9.87
CA THR A 186 0.34 6.32 9.34
C THR A 186 -0.95 6.57 10.11
N ARG A 187 -0.81 6.78 11.42
CA ARG A 187 -1.95 7.11 12.29
C ARG A 187 -2.83 8.26 11.78
N TRP A 188 -2.24 9.25 11.14
CA TRP A 188 -3.01 10.43 10.75
C TRP A 188 -4.13 10.10 9.76
N TYR A 189 -3.91 9.05 9.01
CA TYR A 189 -4.84 8.56 7.97
C TYR A 189 -5.68 7.36 8.38
N ARG A 190 -5.62 6.96 9.64
CA ARG A 190 -6.20 5.70 10.07
C ARG A 190 -7.60 5.89 10.61
N ALA A 191 -8.47 4.94 10.29
CA ALA A 191 -9.83 4.98 10.78
C ALA A 191 -9.87 4.72 12.28
N PRO A 192 -10.79 5.37 13.00
CA PRO A 192 -10.83 5.20 14.43
C PRO A 192 -11.03 3.77 14.92
N GLU A 193 -11.89 3.00 14.24
CA GLU A 193 -12.17 1.67 14.75
C GLU A 193 -11.01 0.70 14.74
N ILE A 194 -10.10 0.87 13.79
CA ILE A 194 -8.88 0.08 13.71
C ILE A 194 -7.79 0.65 14.59
N MET A 195 -7.66 1.97 14.64
CA MET A 195 -6.69 2.57 15.57
C MET A 195 -6.93 2.15 17.01
N LEU A 196 -8.20 2.17 17.41
CA LEU A 196 -8.57 2.00 18.77
C LEU A 196 -9.14 0.61 19.10
N ASN A 197 -9.15 -0.27 18.10
CA ASN A 197 -9.57 -1.67 18.32
C ASN A 197 -10.99 -1.71 18.90
N TRP A 198 -11.89 -0.97 18.26
CA TRP A 198 -13.26 -0.87 18.75
C TRP A 198 -14.06 -2.15 18.50
N MET A 199 -13.72 -2.83 17.41
CA MET A 199 -14.48 -3.95 16.86
C MET A 199 -13.68 -4.59 15.75
N HIS A 200 -14.09 -5.78 15.29
CA HIS A 200 -13.53 -6.31 14.06
C HIS A 200 -13.88 -5.38 12.89
N TYR A 201 -12.88 -4.99 12.09
CA TYR A 201 -13.07 -3.90 11.16
C TYR A 201 -13.28 -4.50 9.75
N ASN A 202 -13.75 -3.68 8.81
CA ASN A 202 -13.92 -4.10 7.42
C ASN A 202 -12.95 -3.41 6.48
N GLN A 203 -13.12 -3.69 5.20
CA GLN A 203 -12.17 -3.17 4.22
C GLN A 203 -12.23 -1.65 4.11
N THR A 204 -13.33 -1.03 4.50
CA THR A 204 -13.47 0.40 4.42
C THR A 204 -12.59 1.19 5.38
N VAL A 205 -11.82 0.53 6.22
CA VAL A 205 -10.72 1.24 6.91
C VAL A 205 -9.83 1.92 5.88
N ASP A 206 -9.63 1.30 4.72
CA ASP A 206 -8.78 1.89 3.67
C ASP A 206 -9.44 3.09 3.02
N ILE A 207 -10.76 3.06 2.96
CA ILE A 207 -11.55 4.19 2.39
C ILE A 207 -11.44 5.42 3.27
N TRP A 208 -11.47 5.25 4.59
CA TRP A 208 -11.19 6.34 5.49
C TRP A 208 -9.87 6.98 5.13
N SER A 209 -8.84 6.16 4.95
CA SER A 209 -7.53 6.72 4.62
C SER A 209 -7.59 7.51 3.29
N VAL A 210 -8.28 6.97 2.29
CA VAL A 210 -8.43 7.70 1.00
C VAL A 210 -9.09 9.06 1.25
N GLY A 211 -10.11 9.12 2.08
CA GLY A 211 -10.77 10.39 2.45
C GLY A 211 -9.79 11.37 3.03
N CYS A 212 -8.99 10.89 3.95
CA CYS A 212 -7.96 11.75 4.59
C CYS A 212 -6.94 12.21 3.56
N ILE A 213 -6.52 11.32 2.67
CA ILE A 213 -5.57 11.73 1.60
C ILE A 213 -6.19 12.75 0.65
N MET A 214 -7.41 12.50 0.22
CA MET A 214 -8.14 13.42 -0.71
C MET A 214 -8.26 14.81 -0.10
N ALA A 215 -8.68 14.86 1.17
CA ALA A 215 -8.83 16.14 1.84
C ALA A 215 -7.53 16.94 1.76
N GLU A 216 -6.43 16.26 2.08
CA GLU A 216 -5.08 16.89 2.04
C GLU A 216 -4.71 17.38 0.63
N LEU A 217 -5.13 16.66 -0.41
CA LEU A 217 -4.83 17.07 -1.78
C LEU A 217 -5.64 18.30 -2.11
N LEU A 218 -6.85 18.40 -1.58
CA LEU A 218 -7.71 19.58 -1.79
C LEU A 218 -7.31 20.82 -1.00
N THR A 219 -6.80 20.66 0.22
CA THR A 219 -6.57 21.79 1.11
C THR A 219 -5.11 22.20 1.22
N GLY A 220 -4.20 21.24 0.93
CA GLY A 220 -2.77 21.33 1.19
C GLY A 220 -2.33 21.08 2.63
N ARG A 221 -3.24 20.59 3.48
CA ARG A 221 -2.98 20.42 4.90
C ARG A 221 -3.39 19.03 5.35
N THR A 222 -2.63 18.46 6.28
CA THR A 222 -3.02 17.19 6.90
C THR A 222 -4.39 17.36 7.56
N LEU A 223 -5.36 16.46 7.25
CA LEU A 223 -6.69 16.60 7.84
C LEU A 223 -6.72 16.43 9.38
N PHE A 224 -6.12 15.35 9.86
CA PHE A 224 -6.13 14.96 11.27
C PHE A 224 -4.72 14.59 11.74
N PRO A 225 -3.87 15.59 12.01
CA PRO A 225 -2.50 15.30 12.42
C PRO A 225 -2.36 14.98 13.93
N GLY A 226 -2.99 13.89 14.37
CA GLY A 226 -2.97 13.61 15.81
C GLY A 226 -1.59 13.15 16.28
N THR A 227 -1.27 13.50 17.51
CA THR A 227 0.03 13.18 18.13
C THR A 227 0.03 11.82 18.84
N ASP A 228 -1.17 11.29 19.13
CA ASP A 228 -1.31 10.00 19.83
C ASP A 228 -2.77 9.54 19.60
N HIS A 229 -3.13 8.38 20.12
CA HIS A 229 -4.45 7.84 19.83
C HIS A 229 -5.59 8.73 20.34
N ILE A 230 -5.42 9.39 21.48
CA ILE A 230 -6.50 10.21 22.08
C ILE A 230 -6.64 11.53 21.32
N ASP A 231 -5.49 12.16 21.02
CA ASP A 231 -5.50 13.38 20.22
C ASP A 231 -6.10 13.11 18.81
N GLN A 232 -5.73 11.99 18.22
CA GLN A 232 -6.24 11.62 16.92
C GLN A 232 -7.77 11.46 16.95
N LEU A 233 -8.27 10.74 17.94
CA LEU A 233 -9.73 10.57 18.07
C LEU A 233 -10.42 11.91 18.23
N LYS A 234 -9.87 12.78 19.08
CA LYS A 234 -10.53 14.06 19.31
C LYS A 234 -10.56 14.92 18.07
N LEU A 235 -9.50 14.86 17.27
CA LEU A 235 -9.49 15.64 16.03
C LEU A 235 -10.54 15.09 15.09
N ILE A 236 -10.65 13.77 15.03
CA ILE A 236 -11.64 13.12 14.16
C ILE A 236 -13.06 13.51 14.55
N LEU A 237 -13.37 13.41 15.83
CA LEU A 237 -14.75 13.64 16.27
C LEU A 237 -15.13 15.10 16.11
N ARG A 238 -14.15 16.00 16.15
CA ARG A 238 -14.45 17.40 15.85
C ARG A 238 -14.99 17.63 14.45
N LEU A 239 -14.62 16.81 13.48
CA LEU A 239 -15.14 16.95 12.12
C LEU A 239 -16.40 16.16 11.96
N VAL A 240 -16.38 14.91 12.36
CA VAL A 240 -17.47 13.99 12.02
C VAL A 240 -18.54 13.85 13.12
N GLY A 241 -18.29 14.44 14.30
CA GLY A 241 -19.17 14.41 15.45
C GLY A 241 -18.99 13.19 16.32
N THR A 242 -19.46 13.27 17.58
CA THR A 242 -19.33 12.11 18.45
C THR A 242 -20.23 10.96 17.93
N PRO A 243 -19.86 9.70 18.21
CA PRO A 243 -20.68 8.55 17.81
C PRO A 243 -22.11 8.62 18.26
N GLY A 244 -23.03 8.23 17.36
CA GLY A 244 -24.44 8.06 17.72
C GLY A 244 -24.68 6.78 18.48
N ALA A 245 -25.91 6.60 18.94
CA ALA A 245 -26.32 5.41 19.70
C ALA A 245 -26.12 4.09 18.95
N GLU A 246 -26.37 4.12 17.64
CA GLU A 246 -26.29 2.93 16.78
C GLU A 246 -24.84 2.43 16.71
N LEU A 247 -23.91 3.37 16.56
CA LEU A 247 -22.50 3.02 16.49
C LEU A 247 -21.93 2.65 17.86
N LEU A 248 -22.30 3.39 18.90
CA LEU A 248 -21.83 3.08 20.26
C LEU A 248 -22.12 1.62 20.69
N LYS A 249 -23.32 1.11 20.35
CA LYS A 249 -23.70 -0.32 20.61
C LYS A 249 -22.77 -1.36 19.95
N LYS A 250 -22.14 -0.99 18.84
CA LYS A 250 -21.24 -1.89 18.15
C LYS A 250 -19.78 -1.85 18.64
N ILE A 251 -19.47 -1.03 19.64
CA ILE A 251 -18.13 -0.95 20.20
C ILE A 251 -18.14 -1.90 21.38
N SER A 252 -17.28 -2.92 21.36
CA SER A 252 -17.30 -4.04 22.34
C SER A 252 -16.96 -3.62 23.79
N SER A 253 -15.89 -2.84 23.94
CA SER A 253 -15.38 -2.47 25.26
C SER A 253 -16.27 -1.49 26.00
N GLU A 254 -16.66 -1.85 27.22
CA GLU A 254 -17.42 -0.95 28.06
C GLU A 254 -16.57 0.29 28.45
N SER A 255 -15.29 0.09 28.76
CA SER A 255 -14.36 1.21 29.10
C SER A 255 -14.19 2.22 27.94
N ALA A 256 -14.04 1.68 26.74
CA ALA A 256 -14.01 2.51 25.54
C ALA A 256 -15.32 3.29 25.39
N ARG A 257 -16.46 2.60 25.46
CA ARG A 257 -17.77 3.27 25.43
C ARG A 257 -17.90 4.33 26.54
N ASN A 258 -17.49 3.99 27.76
CA ASN A 258 -17.58 4.96 28.84
C ASN A 258 -16.70 6.17 28.63
N TYR A 259 -15.48 5.93 28.10
CA TYR A 259 -14.59 7.03 27.75
C TYR A 259 -15.26 7.92 26.72
N ILE A 260 -15.72 7.33 25.61
CA ILE A 260 -16.39 8.11 24.54
C ILE A 260 -17.53 9.00 25.07
N GLN A 261 -18.39 8.42 25.88
CA GLN A 261 -19.49 9.16 26.51
C GLN A 261 -19.05 10.28 27.47
N SER A 262 -17.89 10.13 28.11
CA SER A 262 -17.37 11.21 28.96
C SER A 262 -17.04 12.49 28.18
N LEU A 263 -16.76 12.36 26.89
CA LEU A 263 -16.34 13.51 26.07
C LEU A 263 -17.47 14.48 25.85
N ALA A 264 -17.11 15.75 25.68
CA ALA A 264 -18.09 16.74 25.27
C ALA A 264 -18.69 16.31 23.93
N GLN A 265 -20.02 16.33 23.88
CA GLN A 265 -20.78 16.15 22.65
C GLN A 265 -20.32 17.11 21.57
N MET A 266 -20.12 16.60 20.35
CA MET A 266 -19.76 17.44 19.19
C MET A 266 -20.68 17.10 18.00
N PRO A 267 -21.17 18.13 17.25
CA PRO A 267 -21.98 17.84 16.08
C PRO A 267 -21.12 17.52 14.87
N LYS A 268 -21.70 16.83 13.92
CA LYS A 268 -21.08 16.66 12.62
C LYS A 268 -21.00 18.03 11.95
N MET A 269 -19.82 18.37 11.45
CA MET A 269 -19.64 19.61 10.72
C MET A 269 -20.25 19.46 9.33
N ASN A 270 -20.66 20.57 8.75
CA ASN A 270 -21.06 20.55 7.35
C ASN A 270 -19.80 20.66 6.50
N PHE A 271 -19.49 19.60 5.77
CA PHE A 271 -18.24 19.57 5.03
C PHE A 271 -18.14 20.66 3.96
N ALA A 272 -19.26 21.11 3.43
CA ALA A 272 -19.27 22.22 2.45
C ALA A 272 -18.70 23.52 3.05
N ASN A 273 -18.90 23.72 4.36
CA ASN A 273 -18.26 24.83 5.06
C ASN A 273 -16.76 24.61 5.28
N VAL A 274 -16.38 23.38 5.64
CA VAL A 274 -15.00 23.07 5.94
C VAL A 274 -14.09 23.09 4.70
N PHE A 275 -14.56 22.48 3.62
CA PHE A 275 -13.82 22.43 2.35
C PHE A 275 -14.35 23.47 1.34
N ILE A 276 -14.80 24.59 1.84
CA ILE A 276 -15.18 25.72 0.96
C ILE A 276 -14.17 25.98 -0.19
N GLY A 277 -14.67 26.17 -1.40
CA GLY A 277 -13.80 26.33 -2.58
C GLY A 277 -13.63 25.07 -3.39
N ALA A 278 -13.75 23.92 -2.75
CA ALA A 278 -13.61 22.63 -3.43
C ALA A 278 -14.81 22.31 -4.31
N ASN A 279 -14.57 21.52 -5.36
CA ASN A 279 -15.61 20.95 -6.21
C ASN A 279 -16.69 20.33 -5.32
N PRO A 280 -17.95 20.75 -5.44
CA PRO A 280 -19.05 20.15 -4.66
C PRO A 280 -19.15 18.61 -4.73
N LEU A 281 -18.79 18.05 -5.87
CA LEU A 281 -18.77 16.61 -6.00
C LEU A 281 -17.68 16.00 -5.12
N ALA A 282 -16.54 16.68 -4.97
CA ALA A 282 -15.48 16.17 -4.13
C ALA A 282 -15.93 16.21 -2.69
N VAL A 283 -16.59 17.31 -2.33
CA VAL A 283 -17.13 17.44 -0.95
C VAL A 283 -18.12 16.33 -0.65
N ASP A 284 -19.00 16.00 -1.60
CA ASP A 284 -20.00 14.96 -1.39
C ASP A 284 -19.32 13.61 -1.21
N LEU A 285 -18.34 13.33 -2.04
CA LEU A 285 -17.62 12.05 -1.89
C LEU A 285 -16.89 11.99 -0.55
N LEU A 286 -16.26 13.07 -0.12
CA LEU A 286 -15.59 13.07 1.20
C LEU A 286 -16.56 12.75 2.35
N GLU A 287 -17.76 13.28 2.26
CA GLU A 287 -18.82 12.92 3.21
C GLU A 287 -19.06 11.43 3.26
N LYS A 288 -19.01 10.77 2.14
CA LYS A 288 -19.32 9.35 2.12
C LYS A 288 -18.14 8.49 2.56
N MET A 289 -16.92 9.01 2.40
CA MET A 289 -15.71 8.27 2.82
CA MET A 289 -15.70 8.29 2.84
C MET A 289 -15.39 8.42 4.31
N LEU A 290 -15.70 9.57 4.88
CA LEU A 290 -15.34 9.85 6.27
C LEU A 290 -16.56 9.64 7.21
N VAL A 291 -17.41 8.70 6.86
CA VAL A 291 -18.52 8.29 7.76
C VAL A 291 -17.89 7.55 8.96
N LEU A 292 -18.32 7.90 10.16
CA LEU A 292 -17.76 7.28 11.33
C LEU A 292 -18.11 5.80 11.47
N ASP A 293 -19.38 5.45 11.25
CA ASP A 293 -19.79 4.04 11.34
C ASP A 293 -19.37 3.33 10.06
N SER A 294 -18.42 2.40 10.17
CA SER A 294 -17.87 1.74 8.99
C SER A 294 -18.90 0.82 8.31
N ASP A 295 -20.02 0.53 8.95
CA ASP A 295 -21.08 -0.19 8.23
C ASP A 295 -21.84 0.72 7.23
N LYS A 296 -21.59 2.01 7.25
CA LYS A 296 -22.27 2.97 6.40
C LYS A 296 -21.28 3.70 5.46
N ARG A 297 -20.01 3.31 5.50
CA ARG A 297 -18.98 4.02 4.78
C ARG A 297 -18.94 3.41 3.35
N ILE A 298 -18.73 4.28 2.36
CA ILE A 298 -18.69 3.85 0.95
C ILE A 298 -17.53 2.85 0.70
N THR A 299 -17.75 1.87 -0.19
CA THR A 299 -16.71 0.95 -0.55
C THR A 299 -15.96 1.48 -1.75
N ALA A 300 -14.82 0.85 -2.05
CA ALA A 300 -14.01 1.32 -3.20
C ALA A 300 -14.74 1.25 -4.50
N ALA A 301 -15.44 0.14 -4.74
CA ALA A 301 -16.16 -0.06 -5.99
C ALA A 301 -17.30 0.93 -6.09
N GLN A 302 -18.02 1.16 -4.99
CA GLN A 302 -19.06 2.17 -5.01
C GLN A 302 -18.53 3.55 -5.31
N ALA A 303 -17.42 3.88 -4.69
CA ALA A 303 -16.78 5.20 -4.86
C ALA A 303 -16.36 5.45 -6.29
N LEU A 304 -15.92 4.43 -6.98
CA LEU A 304 -15.52 4.56 -8.41
C LEU A 304 -16.67 5.06 -9.27
N ALA A 305 -17.90 4.74 -8.85
CA ALA A 305 -19.08 5.17 -9.60
C ALA A 305 -19.56 6.58 -9.29
N HIS A 306 -18.93 7.26 -8.33
CA HIS A 306 -19.36 8.57 -7.91
C HIS A 306 -19.12 9.55 -9.05
N ALA A 307 -20.01 10.53 -9.18
CA ALA A 307 -19.90 11.49 -10.27
C ALA A 307 -18.59 12.30 -10.32
N TYR A 308 -17.90 12.44 -9.18
CA TYR A 308 -16.60 13.07 -9.18
C TYR A 308 -15.61 12.48 -10.17
N PHE A 309 -15.76 11.17 -10.46
CA PHE A 309 -14.82 10.44 -11.36
C PHE A 309 -15.34 10.24 -12.77
N ALA A 310 -16.30 11.05 -13.17
CA ALA A 310 -17.01 10.81 -14.47
C ALA A 310 -16.05 10.82 -15.62
N GLN A 311 -15.00 11.61 -15.59
CA GLN A 311 -14.11 11.58 -16.75
C GLN A 311 -13.13 10.41 -16.82
N TYR A 312 -13.02 9.66 -15.71
CA TYR A 312 -12.07 8.54 -15.65
C TYR A 312 -12.77 7.17 -15.53
N HIS A 313 -13.96 7.11 -14.94
CA HIS A 313 -14.63 5.83 -14.60
C HIS A 313 -15.02 4.99 -15.80
N ASP A 314 -14.74 3.70 -15.73
CA ASP A 314 -15.11 2.75 -16.75
C ASP A 314 -15.17 1.38 -16.07
N PRO A 315 -16.39 0.91 -15.77
CA PRO A 315 -16.51 -0.33 -14.97
C PRO A 315 -15.88 -1.52 -15.63
N ASP A 316 -15.84 -1.54 -16.95
CA ASP A 316 -15.24 -2.67 -17.61
C ASP A 316 -13.69 -2.62 -17.66
N ASP A 317 -13.09 -1.54 -17.12
CA ASP A 317 -11.64 -1.40 -16.97
C ASP A 317 -11.30 -1.26 -15.50
N GLU A 318 -12.10 -1.85 -14.58
CA GLU A 318 -11.83 -1.76 -13.11
C GLU A 318 -11.94 -3.17 -12.53
N PRO A 319 -10.94 -3.97 -12.80
CA PRO A 319 -11.08 -5.43 -12.54
C PRO A 319 -10.94 -5.82 -11.09
N VAL A 320 -11.42 -7.03 -10.78
CA VAL A 320 -11.19 -7.70 -9.53
C VAL A 320 -10.00 -8.63 -9.64
N ALA A 321 -9.60 -9.14 -8.48
CA ALA A 321 -8.42 -10.00 -8.36
C ALA A 321 -8.78 -11.45 -8.37
N ASP A 322 -7.83 -12.27 -8.80
CA ASP A 322 -8.02 -13.74 -8.61
C ASP A 322 -8.08 -14.03 -7.10
N PRO A 323 -8.75 -15.13 -6.72
CA PRO A 323 -8.79 -15.46 -5.30
C PRO A 323 -7.41 -15.68 -4.69
N TYR A 324 -7.27 -15.28 -3.46
CA TYR A 324 -6.03 -15.30 -2.70
C TYR A 324 -6.25 -16.20 -1.47
N ASP A 325 -5.42 -17.23 -1.38
CA ASP A 325 -5.54 -18.22 -0.31
C ASP A 325 -4.73 -17.76 0.88
N GLN A 326 -5.41 -17.25 1.90
CA GLN A 326 -4.73 -16.75 3.09
C GLN A 326 -4.89 -17.68 4.30
N SER A 327 -5.09 -18.94 3.99
CA SER A 327 -5.20 -19.98 5.04
C SER A 327 -3.94 -20.07 5.89
N PHE A 328 -2.79 -19.67 5.34
CA PHE A 328 -1.57 -19.61 6.16
C PHE A 328 -1.62 -18.66 7.37
N GLU A 329 -2.47 -17.64 7.33
CA GLU A 329 -2.48 -16.60 8.32
C GLU A 329 -2.88 -17.18 9.69
N SER A 330 -3.70 -18.22 9.67
CA SER A 330 -4.17 -18.89 10.89
C SER A 330 -3.22 -19.96 11.44
N ARG A 331 -2.15 -20.32 10.70
CA ARG A 331 -1.21 -21.34 11.14
C ARG A 331 -0.15 -20.77 12.11
N ASP A 332 0.20 -21.58 13.10
CA ASP A 332 1.33 -21.31 13.98
C ASP A 332 2.40 -22.34 13.63
N LEU A 333 3.47 -21.86 12.99
CA LEU A 333 4.53 -22.72 12.48
C LEU A 333 5.86 -22.31 13.06
N LEU A 334 6.80 -23.24 13.00
CA LEU A 334 8.16 -22.99 13.41
C LEU A 334 8.94 -22.21 12.38
N ILE A 335 10.03 -21.61 12.85
CA ILE A 335 10.81 -20.74 12.00
C ILE A 335 11.27 -21.42 10.68
N ASP A 336 11.70 -22.70 10.81
CA ASP A 336 12.20 -23.38 9.62
C ASP A 336 11.08 -23.72 8.68
N GLU A 337 9.87 -23.90 9.20
CA GLU A 337 8.72 -24.14 8.35
C GLU A 337 8.34 -22.91 7.52
N TRP A 338 8.30 -21.73 8.14
CA TRP A 338 8.10 -20.50 7.40
C TRP A 338 9.21 -20.25 6.37
N LYS A 339 10.44 -20.57 6.75
CA LYS A 339 11.56 -20.41 5.84
C LYS A 339 11.39 -21.34 4.62
N SER A 340 11.01 -22.57 4.87
CA SER A 340 10.83 -23.53 3.73
C SER A 340 9.70 -23.12 2.83
N LEU A 341 8.60 -22.64 3.42
CA LEU A 341 7.52 -22.12 2.62
C LEU A 341 7.93 -20.93 1.76
N THR A 342 8.77 -20.06 2.29
CA THR A 342 9.26 -18.95 1.54
C THR A 342 10.14 -19.43 0.38
N TYR A 343 11.02 -20.38 0.69
CA TYR A 343 11.84 -20.99 -0.36
C TYR A 343 10.98 -21.57 -1.48
N ASP A 344 9.90 -22.26 -1.13
CA ASP A 344 9.01 -22.82 -2.13
C ASP A 344 8.47 -21.73 -3.04
N GLU A 345 8.12 -20.58 -2.45
CA GLU A 345 7.56 -19.47 -3.22
C GLU A 345 8.62 -18.85 -4.13
N VAL A 346 9.84 -18.80 -3.71
CA VAL A 346 10.92 -18.26 -4.54
C VAL A 346 11.10 -19.13 -5.75
N ILE A 347 11.21 -20.46 -5.52
CA ILE A 347 11.53 -21.30 -6.65
CA ILE A 347 11.35 -21.60 -6.50
C ILE A 347 10.31 -21.58 -7.58
N SER A 348 9.05 -21.31 -7.16
CA SER A 348 7.87 -21.48 -7.99
C SER A 348 7.54 -20.23 -8.81
N PHE A 349 8.25 -19.15 -8.54
CA PHE A 349 7.95 -17.84 -9.21
C PHE A 349 7.99 -17.97 -10.73
N VAL A 350 6.96 -17.44 -11.37
CA VAL A 350 6.87 -17.34 -12.85
C VAL A 350 6.82 -15.88 -13.21
N PRO A 351 7.79 -15.44 -13.97
CA PRO A 351 7.85 -14.01 -14.19
C PRO A 351 6.79 -13.52 -15.20
N PRO A 352 6.41 -12.25 -15.06
CA PRO A 352 5.50 -11.62 -16.00
C PRO A 352 6.23 -11.47 -17.36
N PRO A 353 5.48 -11.36 -18.45
CA PRO A 353 6.05 -11.05 -19.73
C PRO A 353 6.51 -9.59 -19.75
N LEU A 354 7.34 -9.22 -20.72
CA LEU A 354 7.68 -7.81 -20.90
C LEU A 354 6.41 -7.03 -21.23
N ASP A 355 6.43 -5.75 -20.91
CA ASP A 355 5.38 -4.86 -21.31
C ASP A 355 5.41 -4.66 -22.81
N GLN A 356 4.36 -4.03 -23.31
CA GLN A 356 4.33 -3.59 -24.69
C GLN A 356 5.55 -2.66 -24.89
N GLU A 357 6.14 -2.70 -26.06
CA GLU A 357 7.32 -1.85 -26.33
C GLU A 357 7.04 -1.01 -27.56
N GLU A 358 5.98 -0.22 -27.52
CA GLU A 358 5.70 0.69 -28.64
C GLU A 358 6.53 1.96 -28.40
N MET A 359 7.18 2.49 -29.43
CA MET A 359 8.04 3.66 -29.31
CA MET A 359 8.05 3.67 -29.33
C MET A 359 7.44 4.84 -30.05
N GLU A 360 7.13 5.90 -29.31
CA GLU A 360 6.49 7.12 -29.90
C GLU A 360 7.46 8.11 -30.48
N SER A 361 8.71 7.99 -30.07
CA SER A 361 9.77 8.84 -30.56
C SER A 361 11.08 8.15 -30.25
C1 EDO B . 3.44 4.53 -11.44
O1 EDO B . 3.86 3.38 -12.21
C2 EDO B . 4.32 4.64 -10.21
O2 EDO B . 5.65 5.07 -10.56
C1 EDO C . -14.90 -7.34 -12.35
O1 EDO C . -15.47 -6.06 -11.92
C2 EDO C . -15.86 -8.54 -12.41
O2 EDO C . -15.22 -9.67 -13.03
C1 EDO D . 13.95 -17.64 -8.20
O1 EDO D . 14.89 -16.98 -9.01
C2 EDO D . 12.69 -17.71 -8.96
O2 EDO D . 12.50 -19.11 -9.19
C1 EDO E . 21.38 2.75 -11.78
O1 EDO E . 20.42 3.81 -11.77
C2 EDO E . 21.02 1.72 -12.85
O2 EDO E . 20.53 2.30 -14.06
C1 EDO F . 0.77 -22.18 3.23
O1 EDO F . 0.16 -22.72 4.42
C2 EDO F . 1.12 -23.31 2.28
O2 EDO F . -0.01 -24.20 2.06
C1 EDO G . -0.43 -24.99 12.47
O1 EDO G . -1.23 -23.97 13.07
C2 EDO G . -1.10 -25.46 11.18
O2 EDO G . -0.25 -26.30 10.40
C1 EDO H . -11.51 5.23 23.14
O1 EDO H . -11.35 4.08 22.28
C2 EDO H . -10.13 5.81 23.52
O2 EDO H . -9.31 4.82 24.13
C4 O8Q I . 11.13 5.07 -5.33
C5 O8Q I . 11.46 6.41 -5.47
C6 O8Q I . 11.09 0.84 -5.89
N1 O8Q I . 11.25 2.09 -6.30
C7 O8Q I . 11.99 1.89 -4.18
C8 O8Q I . 11.52 0.65 -4.58
N2 O8Q I . 11.06 -1.67 -4.19
C9 O8Q I . 11.51 -0.53 -3.67
C10 O8Q I . 10.94 -2.88 -3.38
C11 O8Q I . 9.60 -3.03 -2.70
C12 O8Q I . 8.75 -1.97 -2.47
N3 O8Q I . 5.48 -4.65 -0.14
C13 O8Q I . 7.51 -2.15 -1.88
C14 O8Q I . 7.10 -3.42 -1.48
C15 O8Q I . 7.98 -4.47 -1.66
N4 O8Q I . 4.84 -4.53 2.66
O2 O8Q I . 11.83 -0.41 -2.49
N5 O8Q I . 12.57 2.24 -3.04
N O8Q I . 11.81 2.73 -5.23
C3 O8Q I . 12.14 4.11 -5.33
C2 O8Q I . 13.47 4.49 -5.45
C1 O8Q I . 13.79 5.84 -5.57
C O8Q I . 12.78 6.80 -5.58
C16 O8Q I . 9.19 -4.28 -2.28
C17 O8Q I . 5.72 -3.61 -0.94
O1 O8Q I . 4.83 -2.82 -1.22
C18 O8Q I . 4.16 -4.90 0.38
C28 O8Q I . 3.41 -5.87 -0.54
C29 O8Q I . 1.95 -6.10 -0.29
C30 O8Q I . 1.05 -4.85 -0.31
C35 O8Q I . 1.13 -4.07 -1.63
C34 O8Q I . 0.15 -2.92 -1.67
C33 O8Q I . -1.26 -3.41 -1.50
C32 O8Q I . -1.41 -4.14 -0.18
C31 O8Q I . -0.40 -5.26 -0.05
C19 O8Q I . 4.31 -5.40 1.82
O O8Q I . 3.96 -6.54 2.13
C20 O8Q I . 5.14 -4.83 4.06
C21 O8Q I . 4.16 -4.24 4.95
C22 O8Q I . 4.45 -4.22 6.43
C24 O8Q I . 5.60 -4.78 6.96
C25 O8Q I . 5.79 -4.85 8.32
C26 O8Q I . 4.81 -4.38 9.15
CL O8Q I . 4.98 -4.57 10.90
C27 O8Q I . 3.66 -3.81 8.66
C23 O8Q I . 3.50 -3.73 7.29
#